data_5MOO
#
_entry.id   5MOO
#
_cell.length_a   54.875
_cell.length_b   58.472
_cell.length_c   67.458
_cell.angle_alpha   90.00
_cell.angle_beta   90.00
_cell.angle_gamma   90.00
#
_symmetry.space_group_name_H-M   'P 21 21 21'
#
loop_
_entity.id
_entity.type
_entity.pdbx_description
1 polymer 'Cationic trypsin'
2 non-polymer 'CALCIUM ION'
3 non-polymer phenylazanium
4 non-polymer 'SULFATE ION'
5 water water
#
_entity_poly.entity_id   1
_entity_poly.type   'polypeptide(L)'
_entity_poly.pdbx_seq_one_letter_code
;IVGGYTCGANTVPYQVSLNSGYHFCGGSLINSQWVVSAAHCYKSGIQVRLGEDNINVVEGNEQFISASKSIVHPSYNSNT
LNNDIMLIKLKSAASLNSRVASISLPTSCASAGTQCLISGWGNTKSSGTSYPDVLKCLKAPILSDSSCKSAYPGQITSNM
FCAGYLEGGKDSCQGDSGGPVVCSGKLQGIVSWGSGCAQKNKPGVYTKVCNYVSWIKQTIASN
;
_entity_poly.pdbx_strand_id   A
#
loop_
_chem_comp.id
_chem_comp.type
_chem_comp.name
_chem_comp.formula
CA non-polymer 'CALCIUM ION' 'Ca 2'
SO4 non-polymer 'SULFATE ION' 'O4 S -2'
WOT non-polymer phenylazanium 'C6 H8 N 1'
#
# COMPACT_ATOMS: atom_id res chain seq x y z
N ILE A 1 3.97 -0.14 -10.77
CA ILE A 1 4.13 1.34 -10.87
C ILE A 1 4.47 1.65 -12.31
N VAL A 2 3.67 2.54 -12.92
CA VAL A 2 3.89 3.03 -14.28
C VAL A 2 4.52 4.40 -14.17
N GLY A 3 5.57 4.63 -14.95
CA GLY A 3 6.17 5.94 -15.01
C GLY A 3 6.99 6.32 -13.79
N GLY A 4 7.43 5.34 -13.00
CA GLY A 4 8.23 5.58 -11.83
C GLY A 4 9.71 5.37 -12.08
N TYR A 5 10.42 5.18 -10.96
CA TYR A 5 11.86 5.04 -10.96
C TYR A 5 12.24 3.89 -10.04
N THR A 6 13.43 3.32 -10.26
CA THR A 6 13.91 2.25 -9.40
C THR A 6 14.29 2.85 -8.04
N CYS A 7 13.64 2.37 -6.98
CA CYS A 7 13.84 2.98 -5.65
C CYS A 7 15.29 2.91 -5.22
N GLY A 8 15.90 1.75 -5.39
CA GLY A 8 17.17 1.43 -4.78
C GLY A 8 16.94 0.45 -3.65
N ALA A 9 17.87 -0.49 -3.50
CA ALA A 9 17.66 -1.57 -2.54
C ALA A 9 17.53 -1.05 -1.11
N ASN A 10 16.41 -1.44 -0.48
CA ASN A 10 16.13 -1.22 0.94
C ASN A 10 16.02 0.25 1.28
N THR A 11 15.71 1.08 0.29
CA THR A 11 15.44 2.49 0.56
C THR A 11 14.02 2.75 1.03
N VAL A 12 13.13 1.76 0.96
CA VAL A 12 11.74 1.88 1.41
C VAL A 12 11.58 0.76 2.44
N PRO A 13 12.09 0.94 3.65
CA PRO A 13 12.33 -0.22 4.53
C PRO A 13 11.08 -0.81 5.14
N TYR A 14 9.95 -0.12 5.04
CA TYR A 14 8.68 -0.60 5.55
C TYR A 14 7.89 -1.38 4.50
N GLN A 15 8.36 -1.42 3.26
CA GLN A 15 7.64 -2.09 2.19
C GLN A 15 7.75 -3.61 2.37
N VAL A 16 6.61 -4.29 2.30
CA VAL A 16 6.59 -5.75 2.34
C VAL A 16 6.00 -6.28 1.04
N SER A 17 6.38 -7.51 0.72
CA SER A 17 5.76 -8.30 -0.32
C SER A 17 4.96 -9.41 0.36
N LEU A 18 3.72 -9.59 -0.08
CA LEU A 18 2.90 -10.71 0.37
C LEU A 18 3.04 -11.81 -0.67
N ASN A 19 3.40 -13.00 -0.21
CA ASN A 19 3.75 -14.12 -1.07
C ASN A 19 2.89 -15.33 -0.73
N SER A 20 2.29 -15.91 -1.75
CA SER A 20 1.55 -17.17 -1.64
C SER A 20 2.07 -18.17 -2.67
N GLY A 21 3.38 -18.25 -2.78
CA GLY A 21 4.05 -18.97 -3.84
C GLY A 21 4.61 -18.07 -4.91
N TYR A 22 4.23 -16.81 -4.87
CA TYR A 22 4.57 -15.75 -5.81
C TYR A 22 4.11 -14.45 -5.12
N HIS A 23 4.69 -13.34 -5.55
CA HIS A 23 4.26 -12.04 -5.08
C HIS A 23 2.88 -11.74 -5.63
N PHE A 24 1.96 -11.32 -4.77
CA PHE A 24 0.64 -10.92 -5.22
C PHE A 24 0.14 -9.58 -4.71
N CYS A 25 0.76 -9.01 -3.68
CA CYS A 25 0.32 -7.71 -3.16
C CYS A 25 1.45 -7.14 -2.33
N GLY A 26 1.39 -5.82 -2.15
CA GLY A 26 2.25 -5.14 -1.20
C GLY A 26 1.60 -5.01 0.18
N GLY A 27 2.36 -4.42 1.09
CA GLY A 27 1.87 -4.07 2.40
C GLY A 27 2.91 -3.20 3.07
N SER A 28 2.59 -2.77 4.28
CA SER A 28 3.45 -1.88 5.05
C SER A 28 3.63 -2.43 6.46
N LEU A 29 4.87 -2.45 6.93
CA LEU A 29 5.17 -2.87 8.28
C LEU A 29 4.91 -1.69 9.23
N ILE A 30 3.99 -1.86 10.18
CA ILE A 30 3.64 -0.78 11.11
C ILE A 30 4.15 -1.00 12.52
N ASN A 31 4.63 -2.19 12.84
CA ASN A 31 5.40 -2.45 14.05
C ASN A 31 6.04 -3.81 13.84
N SER A 32 6.77 -4.30 14.84
CA SER A 32 7.55 -5.51 14.62
C SER A 32 6.71 -6.74 14.31
N GLN A 33 5.42 -6.74 14.63
CA GLN A 33 4.62 -7.94 14.43
C GLN A 33 3.37 -7.73 13.57
N TRP A 34 3.16 -6.56 12.98
CA TRP A 34 1.93 -6.29 12.24
C TRP A 34 2.20 -5.57 10.93
N VAL A 35 1.45 -5.99 9.92
CA VAL A 35 1.48 -5.43 8.57
C VAL A 35 0.09 -4.94 8.23
N VAL A 36 0.03 -3.79 7.55
N VAL A 36 0.01 -3.83 7.51
CA VAL A 36 -1.19 -3.25 6.94
CA VAL A 36 -1.27 -3.36 7.00
C VAL A 36 -1.17 -3.57 5.45
C VAL A 36 -1.25 -3.42 5.49
N SER A 37 -2.34 -3.93 4.91
CA SER A 37 -2.47 -4.09 3.47
C SER A 37 -3.92 -3.78 3.08
N ALA A 38 -4.27 -4.12 1.85
CA ALA A 38 -5.63 -3.93 1.36
C ALA A 38 -6.45 -5.20 1.64
N ALA A 39 -7.72 -5.02 2.01
CA ALA A 39 -8.61 -6.16 2.19
C ALA A 39 -8.78 -6.97 0.90
N HIS A 40 -8.73 -6.33 -0.25
CA HIS A 40 -8.86 -7.09 -1.49
C HIS A 40 -7.68 -7.99 -1.77
N CYS A 41 -6.62 -7.87 -0.99
CA CYS A 41 -5.46 -8.78 -1.02
C CYS A 41 -5.64 -9.98 -0.10
N TYR A 42 -6.78 -10.11 0.55
CA TYR A 42 -6.96 -11.24 1.45
C TYR A 42 -6.84 -12.58 0.73
N LYS A 43 -6.11 -13.49 1.35
CA LYS A 43 -6.17 -14.92 1.04
C LYS A 43 -5.55 -15.66 2.21
N SER A 44 -5.77 -16.96 2.23
CA SER A 44 -5.17 -17.80 3.25
C SER A 44 -3.76 -18.21 2.81
N GLY A 45 -2.90 -18.46 3.79
CA GLY A 45 -1.58 -18.98 3.48
C GLY A 45 -0.58 -17.94 3.04
N ILE A 46 -0.56 -16.79 3.69
CA ILE A 46 0.30 -15.69 3.31
C ILE A 46 1.64 -15.83 4.04
N GLN A 47 2.73 -15.66 3.30
CA GLN A 47 4.04 -15.43 3.86
C GLN A 47 4.40 -13.97 3.61
N VAL A 48 4.84 -13.28 4.64
CA VAL A 48 5.24 -11.89 4.54
C VAL A 48 6.75 -11.85 4.30
N ARG A 49 7.17 -11.10 3.28
CA ARG A 49 8.57 -11.01 2.92
C ARG A 49 9.03 -9.58 3.14
N LEU A 50 9.95 -9.44 4.08
CA LEU A 50 10.50 -8.15 4.49
CA LEU A 50 10.50 -8.15 4.49
C LEU A 50 11.92 -8.04 3.95
N GLY A 51 12.39 -6.81 3.82
CA GLY A 51 13.76 -6.58 3.40
C GLY A 51 14.04 -6.89 1.95
N GLU A 52 13.02 -6.95 1.10
CA GLU A 52 13.19 -7.33 -0.29
C GLU A 52 13.57 -6.15 -1.16
N ASP A 53 14.38 -6.43 -2.16
CA ASP A 53 14.49 -5.56 -3.33
C ASP A 53 14.14 -6.40 -4.55
N ASN A 54 15.04 -7.26 -5.02
CA ASN A 54 14.72 -8.20 -6.08
C ASN A 54 13.95 -9.37 -5.46
N ILE A 55 12.68 -9.52 -5.84
CA ILE A 55 11.83 -10.56 -5.26
C ILE A 55 12.11 -11.95 -5.82
N ASN A 56 12.99 -12.07 -6.81
CA ASN A 56 13.37 -13.34 -7.39
C ASN A 56 14.79 -13.80 -7.04
N VAL A 57 15.53 -13.02 -6.27
CA VAL A 57 16.91 -13.33 -5.91
C VAL A 57 17.04 -13.13 -4.41
N VAL A 58 17.70 -14.07 -3.73
CA VAL A 58 18.01 -13.88 -2.33
C VAL A 58 19.27 -13.03 -2.26
N GLU A 59 19.13 -11.80 -1.74
CA GLU A 59 20.22 -10.84 -1.73
C GLU A 59 20.85 -10.63 -0.35
N GLY A 60 20.21 -11.11 0.70
CA GLY A 60 20.84 -11.17 2.02
C GLY A 60 20.19 -10.35 3.11
N ASN A 61 19.21 -9.50 2.83
CA ASN A 61 18.54 -8.72 3.87
C ASN A 61 17.11 -9.16 4.13
N GLU A 62 16.66 -10.25 3.50
CA GLU A 62 15.28 -10.70 3.62
C GLU A 62 15.00 -11.31 4.99
N GLN A 63 13.74 -11.17 5.39
CA GLN A 63 13.13 -11.92 6.47
C GLN A 63 11.80 -12.45 5.95
N PHE A 64 11.62 -13.76 6.01
CA PHE A 64 10.41 -14.42 5.54
C PHE A 64 9.66 -14.94 6.77
N ILE A 65 8.47 -14.42 7.01
CA ILE A 65 7.71 -14.74 8.21
C ILE A 65 6.27 -15.03 7.84
N SER A 66 5.75 -16.17 8.29
CA SER A 66 4.37 -16.52 7.99
C SER A 66 3.41 -15.68 8.81
N ALA A 67 2.25 -15.46 8.22
CA ALA A 67 1.15 -14.82 8.94
C ALA A 67 0.50 -15.81 9.90
N SER A 68 0.15 -15.33 11.09
CA SER A 68 -0.60 -16.13 12.04
C SER A 68 -2.08 -15.82 12.05
N LYS A 69 -2.44 -14.59 11.67
N LYS A 69 -2.47 -14.59 11.69
CA LYS A 69 -3.83 -14.15 11.70
CA LYS A 69 -3.88 -14.26 11.60
C LYS A 69 -3.98 -13.03 10.69
C LYS A 69 -4.03 -13.03 10.74
N SER A 70 -5.12 -13.00 9.99
CA SER A 70 -5.48 -11.87 9.14
C SER A 70 -6.82 -11.36 9.61
N ILE A 71 -6.96 -10.04 9.59
CA ILE A 71 -8.20 -9.38 10.00
C ILE A 71 -8.59 -8.37 8.93
N VAL A 72 -9.64 -8.70 8.20
CA VAL A 72 -10.22 -7.78 7.22
C VAL A 72 -11.12 -6.81 7.96
N HIS A 73 -11.13 -5.55 7.53
CA HIS A 73 -11.96 -4.56 8.20
C HIS A 73 -13.41 -5.04 8.31
N PRO A 74 -14.08 -4.80 9.42
CA PRO A 74 -15.43 -5.34 9.60
C PRO A 74 -16.44 -4.87 8.57
N SER A 75 -16.21 -3.71 7.94
CA SER A 75 -17.16 -3.12 7.00
C SER A 75 -16.63 -3.09 5.57
N TYR A 76 -15.61 -3.89 5.26
CA TYR A 76 -15.12 -4.00 3.89
C TYR A 76 -16.25 -4.44 2.97
N ASN A 77 -16.37 -3.73 1.86
CA ASN A 77 -17.34 -4.05 0.82
C ASN A 77 -16.57 -4.32 -0.47
N SER A 78 -16.53 -5.58 -0.90
CA SER A 78 -15.76 -5.95 -2.07
C SER A 78 -16.33 -5.43 -3.37
N ASN A 79 -17.59 -5.01 -3.38
CA ASN A 79 -18.13 -4.47 -4.63
C ASN A 79 -17.74 -3.02 -4.84
N THR A 80 -17.76 -2.22 -3.79
CA THR A 80 -17.41 -0.81 -3.89
C THR A 80 -15.97 -0.51 -3.49
N LEU A 81 -15.31 -1.44 -2.81
CA LEU A 81 -13.97 -1.29 -2.24
C LEU A 81 -13.92 -0.27 -1.13
N ASN A 82 -15.06 0.04 -0.54
CA ASN A 82 -15.07 0.86 0.67
C ASN A 82 -14.49 0.06 1.81
N ASN A 83 -13.64 0.73 2.58
CA ASN A 83 -12.97 0.15 3.75
C ASN A 83 -12.00 -0.95 3.32
N ASP A 84 -11.22 -0.66 2.27
CA ASP A 84 -10.26 -1.63 1.70
C ASP A 84 -8.97 -1.61 2.52
N ILE A 85 -9.02 -2.28 3.66
CA ILE A 85 -7.89 -2.34 4.58
C ILE A 85 -7.96 -3.64 5.37
N MET A 86 -6.81 -4.25 5.62
N MET A 86 -6.79 -4.18 5.68
CA MET A 86 -6.72 -5.42 6.46
CA MET A 86 -6.62 -5.47 6.34
C MET A 86 -5.41 -5.37 7.22
C MET A 86 -5.36 -5.43 7.18
N LEU A 87 -5.40 -6.09 8.34
CA LEU A 87 -4.23 -6.22 9.21
C LEU A 87 -3.79 -7.69 9.20
N ILE A 88 -2.48 -7.87 9.20
CA ILE A 88 -1.87 -9.20 9.20
C ILE A 88 -0.91 -9.25 10.38
N LYS A 89 -1.10 -10.24 11.25
CA LYS A 89 -0.18 -10.46 12.35
C LYS A 89 0.84 -11.51 11.94
N LEU A 90 2.11 -11.22 12.22
CA LEU A 90 3.21 -12.14 11.95
C LEU A 90 3.34 -13.18 13.06
N LYS A 91 3.73 -14.40 12.67
CA LYS A 91 3.94 -15.48 13.64
C LYS A 91 5.01 -15.15 14.66
N SER A 92 6.03 -14.39 14.25
CA SER A 92 7.08 -13.95 15.15
C SER A 92 7.46 -12.53 14.76
N ALA A 93 8.05 -11.82 15.72
CA ALA A 93 8.43 -10.43 15.48
C ALA A 93 9.58 -10.35 14.49
N ALA A 94 9.50 -9.38 13.60
CA ALA A 94 10.60 -9.07 12.71
C ALA A 94 11.72 -8.40 13.48
N SER A 95 12.93 -8.50 12.93
CA SER A 95 14.10 -7.84 13.49
CA SER A 95 14.09 -7.84 13.48
C SER A 95 14.27 -6.51 12.77
N LEU A 96 14.14 -5.42 13.52
CA LEU A 96 14.18 -4.08 12.93
C LEU A 96 15.57 -3.45 13.02
N ASN A 97 15.97 -2.74 11.95
CA ASN A 97 17.29 -2.10 11.68
C ASN A 97 17.05 -0.99 10.61
N SER A 98 18.12 -0.53 9.90
CA SER A 98 17.92 0.54 8.92
CA SER A 98 17.91 0.54 8.93
C SER A 98 17.25 0.04 7.64
N ARG A 99 17.43 -1.22 7.30
CA ARG A 99 16.87 -1.76 6.06
C ARG A 99 15.50 -2.39 6.22
N VAL A 100 15.09 -2.71 7.45
CA VAL A 100 13.76 -3.22 7.75
C VAL A 100 13.27 -2.40 8.93
N ALA A 101 12.22 -1.63 8.72
CA ALA A 101 11.79 -0.66 9.70
C ALA A 101 10.29 -0.45 9.54
N SER A 102 9.65 -0.04 10.62
CA SER A 102 8.24 0.27 10.57
C SER A 102 8.01 1.70 10.11
N ILE A 103 6.80 1.93 9.62
CA ILE A 103 6.34 3.27 9.25
C ILE A 103 5.28 3.71 10.23
N SER A 104 5.38 4.98 10.64
CA SER A 104 4.44 5.57 11.59
CA SER A 104 4.45 5.56 11.59
C SER A 104 3.04 5.75 11.00
N LEU A 105 2.05 5.55 11.86
CA LEU A 105 0.68 5.87 11.53
C LEU A 105 0.46 7.36 11.68
N PRO A 106 -0.46 7.93 10.92
CA PRO A 106 -0.66 9.37 10.96
C PRO A 106 -1.44 9.78 12.18
N THR A 107 -1.16 10.98 12.66
CA THR A 107 -2.01 11.58 13.68
C THR A 107 -3.04 12.53 13.08
N SER A 108 -2.84 12.93 11.83
CA SER A 108 -3.79 13.78 11.13
C SER A 108 -3.82 13.35 9.68
N CYS A 109 -4.90 13.70 9.01
CA CYS A 109 -5.04 13.38 7.61
C CYS A 109 -4.25 14.38 6.78
N ALA A 110 -3.73 13.90 5.67
CA ALA A 110 -2.97 14.75 4.77
C ALA A 110 -3.92 15.52 3.85
N SER A 111 -3.49 16.70 3.45
CA SER A 111 -4.30 17.55 2.58
CA SER A 111 -4.30 17.54 2.58
C SER A 111 -3.88 17.40 1.12
N ALA A 112 -4.82 17.75 0.24
CA ALA A 112 -4.52 17.83 -1.18
C ALA A 112 -3.29 18.72 -1.39
N GLY A 113 -2.46 18.31 -2.34
CA GLY A 113 -1.25 19.03 -2.67
C GLY A 113 -0.01 18.48 -1.99
N THR A 114 -0.20 17.66 -0.96
CA THR A 114 0.93 17.03 -0.30
C THR A 114 1.55 16.00 -1.22
N GLN A 115 2.87 15.99 -1.26
CA GLN A 115 3.61 15.01 -2.08
C GLN A 115 3.87 13.73 -1.28
N CYS A 116 3.63 12.60 -1.93
CA CYS A 116 3.77 11.29 -1.31
C CYS A 116 4.61 10.36 -2.18
N LEU A 117 5.08 9.29 -1.55
CA LEU A 117 5.86 8.24 -2.19
C LEU A 117 5.03 6.98 -2.22
N ILE A 118 4.85 6.42 -3.41
CA ILE A 118 4.12 5.19 -3.63
C ILE A 118 5.11 4.19 -4.19
N SER A 119 5.05 2.94 -3.74
CA SER A 119 6.04 1.95 -4.13
C SER A 119 5.40 0.59 -4.34
N GLY A 120 6.04 -0.22 -5.18
CA GLY A 120 5.58 -1.59 -5.36
C GLY A 120 6.26 -2.30 -6.51
N TRP A 121 5.90 -3.58 -6.63
CA TRP A 121 6.40 -4.48 -7.66
C TRP A 121 5.36 -4.77 -8.72
N GLY A 122 4.38 -3.92 -8.87
CA GLY A 122 3.34 -4.12 -9.86
C GLY A 122 3.75 -3.78 -11.28
N ASN A 123 2.80 -3.97 -12.17
CA ASN A 123 2.99 -3.77 -13.61
C ASN A 123 3.52 -2.37 -13.89
N THR A 124 4.45 -2.27 -14.85
CA THR A 124 5.04 -1.00 -15.23
C THR A 124 4.51 -0.46 -16.55
N LYS A 125 3.55 -1.12 -17.18
CA LYS A 125 2.99 -0.66 -18.45
C LYS A 125 1.50 -0.35 -18.31
N SER A 126 1.04 0.67 -19.05
CA SER A 126 -0.38 1.03 -19.06
C SER A 126 -1.16 0.25 -20.11
N SER A 127 -0.48 -0.22 -21.15
CA SER A 127 -1.04 -1.14 -22.12
C SER A 127 -0.07 -2.30 -22.22
N GLY A 128 -0.55 -3.52 -22.03
CA GLY A 128 0.34 -4.65 -21.95
C GLY A 128 0.85 -4.87 -20.54
N THR A 129 1.86 -5.75 -20.43
CA THR A 129 2.30 -6.22 -19.12
C THR A 129 3.80 -6.42 -19.07
N SER A 130 4.42 -5.86 -18.04
CA SER A 130 5.84 -6.10 -17.76
C SER A 130 6.01 -5.93 -16.26
N TYR A 131 6.35 -7.00 -15.59
CA TYR A 131 6.47 -6.95 -14.15
C TYR A 131 7.93 -6.88 -13.77
N PRO A 132 8.30 -5.91 -12.95
CA PRO A 132 9.69 -5.76 -12.54
C PRO A 132 10.01 -6.72 -11.41
N ASP A 133 11.27 -6.97 -11.29
CA ASP A 133 11.76 -7.78 -10.19
C ASP A 133 12.23 -6.94 -9.00
N VAL A 134 12.56 -5.68 -9.23
CA VAL A 134 13.03 -4.78 -8.19
C VAL A 134 11.97 -3.74 -7.91
N LEU A 135 12.05 -3.16 -6.72
CA LEU A 135 11.03 -2.24 -6.25
C LEU A 135 11.07 -0.93 -7.02
N LYS A 136 9.89 -0.46 -7.42
CA LYS A 136 9.73 0.80 -8.12
C LYS A 136 9.01 1.81 -7.24
N CYS A 137 9.30 3.07 -7.49
CA CYS A 137 8.87 4.19 -6.67
C CYS A 137 8.25 5.25 -7.56
N LEU A 138 7.33 6.01 -6.99
CA LEU A 138 6.68 7.12 -7.67
C LEU A 138 6.37 8.20 -6.67
N LYS A 139 6.73 9.43 -7.01
CA LYS A 139 6.31 10.59 -6.22
C LYS A 139 5.07 11.18 -6.87
N ALA A 140 4.04 11.40 -6.09
CA ALA A 140 2.77 11.89 -6.61
C ALA A 140 2.07 12.70 -5.55
N PRO A 141 1.30 13.70 -5.95
CA PRO A 141 0.51 14.47 -5.00
C PRO A 141 -0.88 13.90 -4.77
N ILE A 142 -1.38 14.19 -3.57
CA ILE A 142 -2.79 13.96 -3.26
C ILE A 142 -3.61 15.00 -4.03
N LEU A 143 -4.65 14.54 -4.69
CA LEU A 143 -5.53 15.41 -5.45
C LEU A 143 -6.70 15.85 -4.58
N SER A 144 -7.30 16.99 -4.96
CA SER A 144 -8.44 17.48 -4.23
C SER A 144 -9.59 16.49 -4.31
N ASP A 145 -10.43 16.51 -3.28
CA ASP A 145 -11.59 15.64 -3.29
C ASP A 145 -12.51 15.96 -4.47
N SER A 146 -12.64 17.24 -4.82
CA SER A 146 -13.50 17.59 -5.95
C SER A 146 -12.98 17.01 -7.27
N SER A 147 -11.65 17.03 -7.50
CA SER A 147 -11.11 16.44 -8.72
CA SER A 147 -11.10 16.44 -8.72
C SER A 147 -11.27 14.93 -8.71
N CYS A 148 -11.12 14.31 -7.54
CA CYS A 148 -11.26 12.87 -7.41
C CYS A 148 -12.67 12.44 -7.72
N LYS A 149 -13.65 13.14 -7.15
CA LYS A 149 -15.06 12.82 -7.37
C LYS A 149 -15.49 13.11 -8.80
N SER A 150 -14.93 14.14 -9.42
CA SER A 150 -15.21 14.41 -10.82
CA SER A 150 -15.22 14.41 -10.82
C SER A 150 -14.66 13.34 -11.75
N ALA A 151 -13.53 12.71 -11.38
CA ALA A 151 -12.96 11.64 -12.18
C ALA A 151 -13.75 10.35 -12.04
N TYR A 152 -14.30 10.09 -10.86
CA TYR A 152 -15.01 8.85 -10.57
C TYR A 152 -16.36 9.18 -9.95
N PRO A 153 -17.29 9.69 -10.75
CA PRO A 153 -18.60 10.06 -10.21
C PRO A 153 -19.27 8.88 -9.52
N GLY A 154 -19.79 9.13 -8.33
CA GLY A 154 -20.57 8.16 -7.60
C GLY A 154 -19.77 7.05 -6.95
N GLN A 155 -18.46 7.09 -7.04
CA GLN A 155 -17.64 5.98 -6.54
C GLN A 155 -16.70 6.29 -5.39
N ILE A 156 -16.51 7.55 -5.03
CA ILE A 156 -15.52 7.93 -4.05
C ILE A 156 -16.24 8.17 -2.72
N THR A 157 -15.83 7.42 -1.71
CA THR A 157 -16.37 7.60 -0.37
C THR A 157 -15.40 8.45 0.46
N SER A 158 -15.84 8.77 1.68
CA SER A 158 -14.98 9.53 2.60
C SER A 158 -13.75 8.73 3.05
N ASN A 159 -13.68 7.44 2.74
CA ASN A 159 -12.56 6.59 3.10
C ASN A 159 -11.57 6.40 1.98
N MET A 160 -11.66 7.22 0.94
CA MET A 160 -10.80 7.13 -0.22
C MET A 160 -10.23 8.51 -0.55
N PHE A 161 -9.04 8.50 -1.17
CA PHE A 161 -8.54 9.69 -1.82
C PHE A 161 -7.86 9.31 -3.14
N CYS A 162 -7.74 10.31 -3.99
CA CYS A 162 -7.03 10.14 -5.25
C CYS A 162 -5.64 10.75 -5.13
N ALA A 163 -4.69 10.12 -5.80
CA ALA A 163 -3.35 10.68 -5.88
C ALA A 163 -2.81 10.33 -7.26
N GLY A 164 -1.96 11.22 -7.76
CA GLY A 164 -1.40 11.01 -9.08
C GLY A 164 -1.52 12.21 -9.98
N TYR A 165 -1.78 11.96 -11.26
CA TYR A 165 -1.67 12.97 -12.30
C TYR A 165 -2.85 12.82 -13.24
N LEU A 166 -3.64 13.88 -13.38
CA LEU A 166 -4.79 13.82 -14.27
C LEU A 166 -4.38 13.68 -15.73
N GLU A 167 -3.17 14.10 -16.07
CA GLU A 167 -2.67 13.96 -17.43
C GLU A 167 -2.29 12.52 -17.77
N GLY A 168 -2.29 11.62 -16.79
CA GLY A 168 -1.91 10.25 -17.02
C GLY A 168 -0.41 10.06 -17.01
N GLY A 169 -0.02 8.84 -17.34
CA GLY A 169 1.37 8.47 -17.53
C GLY A 169 2.11 7.96 -16.32
N LYS A 170 1.62 8.25 -15.12
CA LYS A 170 2.30 7.90 -13.87
C LYS A 170 1.23 7.45 -12.88
N ASP A 171 1.33 6.23 -12.39
CA ASP A 171 0.28 5.68 -11.53
C ASP A 171 0.80 4.40 -10.86
N SER A 172 0.02 3.91 -9.92
CA SER A 172 0.17 2.56 -9.41
C SER A 172 -0.67 1.64 -10.30
N CYS A 173 -0.39 0.35 -10.23
CA CYS A 173 -1.04 -0.59 -11.14
C CYS A 173 -1.17 -1.95 -10.46
N GLN A 174 -1.70 -2.91 -11.22
CA GLN A 174 -1.90 -4.27 -10.75
C GLN A 174 -0.60 -4.83 -10.15
N GLY A 175 -0.71 -5.40 -8.96
CA GLY A 175 0.42 -5.92 -8.23
C GLY A 175 1.01 -4.96 -7.22
N ASP A 176 0.64 -3.68 -7.31
CA ASP A 176 1.00 -2.69 -6.31
C ASP A 176 0.01 -2.65 -5.16
N SER A 177 -1.18 -3.23 -5.38
CA SER A 177 -2.26 -3.23 -4.42
C SER A 177 -1.78 -3.62 -3.03
N GLY A 178 -2.32 -2.91 -2.05
CA GLY A 178 -1.98 -3.14 -0.65
C GLY A 178 -0.77 -2.36 -0.18
N GLY A 179 0.03 -1.82 -1.10
CA GLY A 179 1.25 -1.14 -0.72
C GLY A 179 1.04 0.25 -0.19
N PRO A 180 2.14 0.87 0.21
CA PRO A 180 2.09 2.14 0.94
C PRO A 180 2.05 3.39 0.07
N VAL A 181 1.36 4.38 0.62
CA VAL A 181 1.46 5.76 0.20
C VAL A 181 1.92 6.54 1.43
N VAL A 182 3.15 7.04 1.40
CA VAL A 182 3.78 7.66 2.55
C VAL A 182 4.01 9.14 2.25
N CYS A 183 3.57 9.99 3.16
CA CYS A 183 3.66 11.43 2.98
C CYS A 183 4.20 12.02 4.26
N SER A 184 5.27 12.81 4.15
CA SER A 184 5.89 13.43 5.32
C SER A 184 6.18 12.40 6.42
N GLY A 185 6.69 11.24 6.02
CA GLY A 185 7.09 10.21 6.96
C GLY A 185 5.98 9.44 7.65
N LYS A 186 4.73 9.55 7.17
CA LYS A 186 3.62 8.83 7.77
C LYS A 186 2.85 8.07 6.69
N LEU A 187 2.31 6.93 7.07
CA LEU A 187 1.48 6.13 6.17
C LEU A 187 0.11 6.77 6.03
N GLN A 188 -0.17 7.36 4.86
CA GLN A 188 -1.46 7.99 4.65
C GLN A 188 -2.40 7.19 3.75
N GLY A 189 -1.87 6.29 2.92
CA GLY A 189 -2.71 5.58 1.98
C GLY A 189 -2.28 4.15 1.79
N ILE A 190 -3.21 3.37 1.25
CA ILE A 190 -3.00 2.00 0.79
C ILE A 190 -3.44 1.94 -0.66
N VAL A 191 -2.59 1.38 -1.53
CA VAL A 191 -2.95 1.22 -2.94
C VAL A 191 -4.19 0.34 -3.04
N SER A 192 -5.27 0.90 -3.60
CA SER A 192 -6.56 0.22 -3.61
C SER A 192 -7.08 -0.08 -5.00
N TRP A 193 -7.41 0.94 -5.81
CA TRP A 193 -8.02 0.64 -7.10
C TRP A 193 -7.86 1.81 -8.06
N GLY A 194 -8.33 1.60 -9.28
CA GLY A 194 -8.42 2.63 -10.30
C GLY A 194 -9.01 2.02 -11.54
N SER A 195 -9.28 2.87 -12.52
CA SER A 195 -9.76 2.41 -13.82
CA SER A 195 -9.77 2.41 -13.81
C SER A 195 -8.56 2.28 -14.74
N GLY A 196 -8.07 1.06 -14.87
CA GLY A 196 -6.84 0.87 -15.61
C GLY A 196 -5.71 1.50 -14.79
N CYS A 197 -4.59 1.74 -15.49
CA CYS A 197 -3.41 2.36 -14.89
C CYS A 197 -2.92 3.48 -15.79
N ALA A 198 -2.65 4.62 -15.18
CA ALA A 198 -1.98 5.72 -15.82
C ALA A 198 -2.78 6.31 -16.99
N GLN A 199 -4.10 6.14 -16.97
CA GLN A 199 -4.94 6.71 -18.00
C GLN A 199 -5.28 8.17 -17.68
N LYS A 200 -5.49 8.94 -18.75
CA LYS A 200 -5.87 10.33 -18.58
C LYS A 200 -7.18 10.43 -17.79
N ASN A 201 -7.20 11.35 -16.83
CA ASN A 201 -8.40 11.64 -16.01
C ASN A 201 -8.86 10.48 -15.15
N LYS A 202 -7.99 9.48 -14.92
CA LYS A 202 -8.31 8.32 -14.09
C LYS A 202 -7.16 8.04 -13.14
N PRO A 203 -6.98 8.90 -12.13
CA PRO A 203 -5.88 8.70 -11.19
C PRO A 203 -6.16 7.52 -10.28
N GLY A 204 -5.11 7.08 -9.61
CA GLY A 204 -5.26 6.01 -8.63
C GLY A 204 -6.07 6.45 -7.42
N VAL A 205 -6.78 5.47 -6.84
CA VAL A 205 -7.57 5.65 -5.65
C VAL A 205 -6.97 4.82 -4.51
N TYR A 206 -6.92 5.42 -3.34
CA TYR A 206 -6.18 4.92 -2.20
C TYR A 206 -7.07 4.92 -0.97
N THR A 207 -6.88 3.91 -0.12
CA THR A 207 -7.61 3.90 1.15
C THR A 207 -7.02 4.95 2.08
N LYS A 208 -7.91 5.72 2.72
CA LYS A 208 -7.53 6.86 3.56
C LYS A 208 -7.23 6.40 4.99
N VAL A 209 -5.94 6.12 5.25
CA VAL A 209 -5.53 5.43 6.48
C VAL A 209 -5.88 6.23 7.73
N CYS A 210 -5.86 7.56 7.65
CA CYS A 210 -6.12 8.37 8.84
C CYS A 210 -7.49 8.11 9.44
N ASN A 211 -8.44 7.58 8.66
CA ASN A 211 -9.75 7.26 9.18
C ASN A 211 -9.79 5.97 10.01
N TYR A 212 -8.72 5.18 9.95
CA TYR A 212 -8.68 3.85 10.54
C TYR A 212 -7.73 3.72 11.72
N VAL A 213 -7.10 4.80 12.14
CA VAL A 213 -6.07 4.69 13.16
C VAL A 213 -6.62 4.11 14.46
N SER A 214 -7.82 4.52 14.87
CA SER A 214 -8.39 3.99 16.11
CA SER A 214 -8.39 3.99 16.11
CA SER A 214 -8.39 4.00 16.10
C SER A 214 -8.64 2.49 16.00
N TRP A 215 -9.18 2.05 14.85
CA TRP A 215 -9.43 0.62 14.63
C TRP A 215 -8.12 -0.16 14.64
N ILE A 216 -7.09 0.37 13.98
CA ILE A 216 -5.81 -0.32 13.96
C ILE A 216 -5.28 -0.46 15.37
N LYS A 217 -5.24 0.63 16.11
CA LYS A 217 -4.63 0.61 17.44
C LYS A 217 -5.39 -0.32 18.39
N GLN A 218 -6.72 -0.30 18.33
CA GLN A 218 -7.52 -1.15 19.21
C GLN A 218 -7.36 -2.62 18.84
N THR A 219 -7.28 -2.92 17.54
CA THR A 219 -7.14 -4.28 17.08
C THR A 219 -5.79 -4.85 17.50
N ILE A 220 -4.73 -4.10 17.31
CA ILE A 220 -3.39 -4.56 17.68
C ILE A 220 -3.31 -4.81 19.17
N ALA A 221 -3.95 -3.95 19.96
CA ALA A 221 -3.88 -4.05 21.41
C ALA A 221 -4.54 -5.29 21.99
N SER A 222 -5.40 -5.95 21.21
CA SER A 222 -6.20 -7.07 21.72
C SER A 222 -5.98 -8.37 20.94
N ASN A 223 -5.01 -8.40 20.04
CA ASN A 223 -4.78 -9.58 19.20
C ASN A 223 -3.32 -9.93 19.14
CA CA B . 15.17 -10.93 -2.58
C1 WOT C . -4.39 1.03 -9.44
C2 WOT C . -4.11 0.33 -8.29
C3 WOT C . -4.35 -1.04 -8.26
C4 WOT C . -4.87 -1.67 -9.37
C5 WOT C . -5.16 -0.95 -10.51
C6 WOT C . -4.91 0.41 -10.55
N WOT C . -4.13 2.46 -9.48
H2 WOT C . -3.70 0.81 -7.41
DN3 WOT C . -4.30 2.88 -8.57
DN2 WOT C . -3.15 2.64 -9.72
DN1 WOT C . -4.72 2.91 -10.18
S SO4 D . -4.91 -5.98 -8.31
O1 SO4 D . -5.85 -5.43 -7.32
O2 SO4 D . -5.25 -5.49 -9.65
O3 SO4 D . -3.54 -5.59 -7.98
O4 SO4 D . -5.03 -7.43 -8.34
#